data_4DNJ
#
_entry.id   4DNJ
#
_cell.length_a   53.917
_cell.length_b   73.884
_cell.length_c   96.876
_cell.angle_alpha   90.00
_cell.angle_beta   90.00
_cell.angle_gamma   90.00
#
_symmetry.space_group_name_H-M   'P 21 21 21'
#
loop_
_entity.id
_entity.type
_entity.pdbx_description
1 polymer 'Putative cytochrome P450'
2 non-polymer 'PROTOPORPHYRIN IX CONTAINING FE'
3 non-polymer '4-METHOXYBENZOIC ACID'
4 non-polymer 'CHLORIDE ION'
5 water water
#
_entity_poly.entity_id   1
_entity_poly.type   'polypeptide(L)'
_entity_poly.pdbx_seq_one_letter_code
;MTTAPSLVPVTTPSQHGAGVPHLGIDPFALDYFADPYPEQETLREAGPVVYLDKWNVYGVARYAEVYAVLNDPLTFCSSR
GVGLSDFKKEKPWRPPSLILEADPPAHTRTRAVLSKVLSPATMKRLRDGFAAAADAKIDELLARGGNIDAIADLAEAYPL
SVFPDAMGLKQEGRENLLPYAGLVFNAFGPPNELRQSAIERSAPHQAYVAEQCQRPNLAPGGFGACIHAFSDTGEITPEE
APLLVRSLLSAGLDTTVNGIAAAVYCLARFPDEFARLRADPSLARNAFEEAVRFESPVQTFFRTTTRDVELAGATIGEGE
KVLMFLGSANRDPRRWDDPDRYDITRKTSGHVGFGSGVHMCVGQLVARLEGEVVLAALARKVAAIEIAGPLKRRFNNTLR
GLESLPIQLTPA
;
_entity_poly.pdbx_strand_id   A
#
# COMPACT_ATOMS: atom_id res chain seq x y z
N SER A 14 3.69 -6.18 -32.28
CA SER A 14 4.44 -6.71 -31.07
C SER A 14 5.06 -8.13 -31.31
N GLN A 15 6.30 -8.34 -30.85
CA GLN A 15 6.94 -9.66 -30.81
C GLN A 15 6.51 -10.45 -29.53
N HIS A 16 5.76 -9.84 -28.58
CA HIS A 16 5.24 -10.59 -27.44
C HIS A 16 6.31 -11.39 -26.69
N GLY A 17 7.39 -10.70 -26.34
CA GLY A 17 8.43 -11.24 -25.47
C GLY A 17 9.51 -12.08 -26.16
N ALA A 18 9.84 -11.73 -27.41
CA ALA A 18 11.01 -12.32 -28.05
C ALA A 18 12.27 -12.04 -27.26
N GLY A 19 13.07 -13.07 -27.01
CA GLY A 19 14.40 -12.87 -26.43
C GLY A 19 14.51 -12.85 -24.91
N VAL A 20 13.38 -13.03 -24.23
CA VAL A 20 13.38 -13.07 -22.77
C VAL A 20 12.78 -14.38 -22.38
N PRO A 21 13.11 -14.89 -21.18
CA PRO A 21 12.43 -16.09 -20.69
C PRO A 21 10.92 -15.90 -20.50
N HIS A 22 10.11 -16.91 -20.88
CA HIS A 22 8.64 -16.86 -20.67
C HIS A 22 8.28 -17.79 -19.54
N LEU A 23 7.37 -17.41 -18.67
CA LEU A 23 6.97 -18.26 -17.57
C LEU A 23 5.42 -18.26 -17.54
N GLY A 24 4.84 -19.34 -17.05
CA GLY A 24 3.40 -19.53 -16.92
C GLY A 24 2.83 -19.16 -15.55
N ILE A 25 3.66 -18.64 -14.67
CA ILE A 25 3.28 -18.25 -13.30
C ILE A 25 2.16 -17.21 -13.41
N ASP A 26 1.06 -17.49 -12.69
CA ASP A 26 -0.01 -16.49 -12.46
C ASP A 26 0.18 -15.77 -11.15
N PRO A 27 0.70 -14.53 -11.16
CA PRO A 27 0.94 -13.88 -9.83
C PRO A 27 -0.36 -13.34 -9.22
N PHE A 28 -1.48 -13.68 -9.83
CA PHE A 28 -2.79 -13.32 -9.29
C PHE A 28 -3.63 -14.50 -8.94
N ALA A 29 -2.98 -15.66 -8.87
CA ALA A 29 -3.71 -16.92 -8.56
C ALA A 29 -3.80 -17.06 -7.04
N LEU A 30 -4.87 -17.67 -6.55
CA LEU A 30 -5.04 -17.84 -5.10
C LEU A 30 -3.93 -18.64 -4.40
N ASP A 31 -3.42 -19.69 -5.03
CA ASP A 31 -2.33 -20.45 -4.43
C ASP A 31 -1.07 -19.63 -4.37
N TYR A 32 -0.88 -18.73 -5.35
CA TYR A 32 0.24 -17.79 -5.27
C TYR A 32 0.12 -16.82 -4.09
N PHE A 33 -1.07 -16.16 -3.85
CA PHE A 33 -1.16 -15.23 -2.77
C PHE A 33 -0.95 -15.96 -1.43
N ALA A 34 -1.41 -17.21 -1.37
CA ALA A 34 -1.23 -17.98 -0.09
C ALA A 34 0.24 -18.18 0.26
N ASP A 35 1.10 -18.28 -0.74
CA ASP A 35 2.56 -18.45 -0.47
C ASP A 35 3.35 -18.06 -1.70
N PRO A 36 3.67 -16.74 -1.82
CA PRO A 36 4.24 -16.23 -3.08
C PRO A 36 5.77 -16.39 -3.23
N TYR A 37 6.40 -16.77 -2.14
CA TYR A 37 7.88 -16.59 -2.07
C TYR A 37 8.65 -17.55 -3.06
N PRO A 38 8.20 -18.81 -3.22
CA PRO A 38 8.92 -19.71 -4.17
C PRO A 38 8.80 -19.16 -5.61
N GLU A 39 7.61 -18.65 -6.00
CA GLU A 39 7.43 -18.22 -7.37
C GLU A 39 8.13 -16.86 -7.57
N GLN A 40 8.15 -16.02 -6.52
CA GLN A 40 8.94 -14.76 -6.59
C GLN A 40 10.38 -15.08 -6.81
N GLU A 41 10.87 -16.09 -6.10
CA GLU A 41 12.27 -16.49 -6.38
C GLU A 41 12.46 -16.96 -7.85
N THR A 42 11.59 -17.83 -8.33
CA THR A 42 11.64 -18.26 -9.73
C THR A 42 11.66 -17.10 -10.71
N LEU A 43 10.76 -16.15 -10.47
CA LEU A 43 10.73 -14.86 -11.28
C LEU A 43 12.01 -14.09 -11.24
N ARG A 44 12.64 -13.98 -10.08
CA ARG A 44 13.97 -13.34 -10.06
C ARG A 44 15.07 -14.15 -10.78
N GLU A 45 15.09 -15.46 -10.55
CA GLU A 45 16.16 -16.28 -11.09
C GLU A 45 16.07 -16.46 -12.59
N ALA A 46 14.89 -16.30 -13.17
CA ALA A 46 14.67 -16.61 -14.57
C ALA A 46 15.45 -15.61 -15.41
N GLY A 47 15.57 -14.37 -14.90
CA GLY A 47 16.22 -13.29 -15.58
C GLY A 47 15.74 -11.93 -15.11
N PRO A 48 16.40 -10.82 -15.57
CA PRO A 48 16.02 -9.49 -15.09
C PRO A 48 14.68 -9.07 -15.69
N VAL A 49 14.36 -9.57 -16.88
CA VAL A 49 13.08 -9.26 -17.50
C VAL A 49 12.46 -10.59 -17.95
N VAL A 50 11.20 -10.86 -17.56
CA VAL A 50 10.51 -12.09 -17.94
C VAL A 50 9.25 -11.72 -18.71
N TYR A 51 8.68 -12.69 -19.45
CA TYR A 51 7.41 -12.43 -20.09
C TYR A 51 6.38 -13.40 -19.45
N LEU A 52 5.28 -12.86 -18.91
CA LEU A 52 4.29 -13.72 -18.26
C LEU A 52 3.20 -14.13 -19.23
N ASP A 53 3.28 -15.38 -19.72
CA ASP A 53 2.31 -15.88 -20.72
C ASP A 53 0.82 -15.76 -20.28
N LYS A 54 0.59 -15.91 -18.99
CA LYS A 54 -0.78 -15.96 -18.49
C LYS A 54 -1.50 -14.66 -18.87
N TRP A 55 -0.81 -13.53 -18.72
CA TRP A 55 -1.49 -12.22 -18.98
C TRP A 55 -0.88 -11.42 -20.14
N ASN A 56 0.11 -11.98 -20.82
CA ASN A 56 0.77 -11.29 -21.94
C ASN A 56 1.32 -9.90 -21.51
N VAL A 57 2.10 -9.92 -20.42
CA VAL A 57 2.77 -8.70 -19.96
C VAL A 57 4.22 -9.06 -19.63
N TYR A 58 5.08 -8.05 -19.62
CA TYR A 58 6.43 -8.24 -19.13
C TYR A 58 6.47 -8.15 -17.63
N GLY A 59 7.49 -8.71 -17.03
CA GLY A 59 7.56 -8.63 -15.57
C GLY A 59 8.97 -8.37 -15.11
N VAL A 60 9.12 -7.60 -14.02
CA VAL A 60 10.47 -7.37 -13.45
C VAL A 60 10.32 -7.63 -11.96
N ALA A 61 11.18 -8.52 -11.46
CA ALA A 61 11.03 -9.00 -10.06
C ALA A 61 12.27 -8.78 -9.20
N ARG A 62 13.36 -8.36 -9.85
CA ARG A 62 14.55 -7.98 -9.08
C ARG A 62 14.59 -6.53 -8.69
N TYR A 63 15.31 -6.24 -7.61
CA TYR A 63 15.37 -4.89 -7.14
C TYR A 63 15.88 -3.96 -8.23
N ALA A 64 17.00 -4.33 -8.89
CA ALA A 64 17.61 -3.33 -9.80
C ALA A 64 16.61 -2.86 -10.86
N GLU A 65 15.89 -3.80 -11.48
CA GLU A 65 14.97 -3.39 -12.58
C GLU A 65 13.71 -2.78 -12.07
N VAL A 66 13.21 -3.24 -10.92
CA VAL A 66 12.02 -2.56 -10.33
C VAL A 66 12.37 -1.06 -10.09
N TYR A 67 13.53 -0.83 -9.46
CA TYR A 67 13.98 0.51 -9.14
C TYR A 67 14.14 1.33 -10.42
N ALA A 68 14.79 0.76 -11.43
CA ALA A 68 14.97 1.49 -12.70
C ALA A 68 13.66 1.88 -13.37
N VAL A 69 12.71 0.97 -13.43
CA VAL A 69 11.42 1.25 -14.06
C VAL A 69 10.68 2.33 -13.26
N LEU A 70 10.66 2.19 -11.93
CA LEU A 70 9.95 3.18 -11.11
C LEU A 70 10.50 4.58 -11.33
N ASN A 71 11.83 4.68 -11.48
CA ASN A 71 12.52 5.97 -11.63
C ASN A 71 12.65 6.50 -13.06
N ASP A 72 11.90 5.89 -13.96
CA ASP A 72 11.81 6.40 -15.35
C ASP A 72 10.35 6.55 -15.76
N PRO A 73 9.69 7.58 -15.21
CA PRO A 73 8.22 7.67 -15.35
C PRO A 73 7.71 8.11 -16.70
N LEU A 74 8.52 8.79 -17.52
CA LEU A 74 8.04 9.18 -18.89
C LEU A 74 8.10 7.99 -19.88
N THR A 75 9.04 7.11 -19.66
CA THR A 75 9.20 5.91 -20.44
C THR A 75 8.25 4.82 -19.99
N PHE A 76 8.19 4.63 -18.67
CA PHE A 76 7.30 3.60 -18.14
C PHE A 76 6.19 4.39 -17.42
N CYS A 77 5.10 4.65 -18.15
CA CYS A 77 4.20 5.73 -17.71
C CYS A 77 3.13 5.16 -16.78
N SER A 78 2.40 6.04 -16.09
CA SER A 78 1.26 5.64 -15.22
C SER A 78 -0.11 6.09 -15.81
N SER A 79 -0.07 6.93 -16.86
CA SER A 79 -1.29 7.50 -17.37
C SER A 79 -2.10 6.55 -18.22
N ARG A 80 -1.54 5.36 -18.53
CA ARG A 80 -2.36 4.34 -19.21
C ARG A 80 -2.78 3.27 -18.21
N GLY A 81 -2.79 3.65 -16.92
CA GLY A 81 -3.28 2.76 -15.83
C GLY A 81 -2.11 2.07 -15.14
N VAL A 82 -2.21 1.87 -13.82
CA VAL A 82 -1.19 1.09 -13.13
C VAL A 82 -1.71 -0.27 -12.74
N GLY A 83 -2.84 -0.63 -13.34
CA GLY A 83 -3.27 -2.01 -13.24
C GLY A 83 -3.05 -2.69 -14.58
N LEU A 84 -3.60 -3.92 -14.73
CA LEU A 84 -3.33 -4.64 -15.99
C LEU A 84 -3.92 -3.91 -17.18
N SER A 85 -5.13 -3.38 -16.99
CA SER A 85 -5.89 -2.77 -18.08
C SER A 85 -5.11 -1.59 -18.65
N ASP A 86 -4.99 -1.53 -19.98
CA ASP A 86 -4.42 -0.35 -20.66
C ASP A 86 -5.54 0.63 -21.04
N PHE A 87 -5.47 1.83 -20.49
CA PHE A 87 -6.56 2.78 -20.68
C PHE A 87 -6.65 3.29 -22.13
N LYS A 88 -5.61 3.09 -22.90
CA LYS A 88 -5.65 3.39 -24.35
C LYS A 88 -6.54 2.38 -25.08
N LYS A 89 -6.69 1.18 -24.54
CA LYS A 89 -7.40 0.09 -25.22
C LYS A 89 -8.76 -0.22 -24.60
N GLU A 90 -8.92 0.14 -23.33
CA GLU A 90 -10.17 -0.23 -22.62
C GLU A 90 -10.56 0.90 -21.71
N LYS A 91 -11.87 1.18 -21.62
CA LYS A 91 -12.36 2.22 -20.72
C LYS A 91 -12.00 1.83 -19.25
N PRO A 92 -11.44 2.75 -18.45
CA PRO A 92 -11.15 2.39 -17.04
C PRO A 92 -12.42 2.12 -16.21
N TRP A 93 -12.29 1.26 -15.21
CA TRP A 93 -13.40 0.85 -14.40
C TRP A 93 -13.94 2.04 -13.60
N ARG A 94 -13.09 3.02 -13.31
CA ARG A 94 -13.53 4.30 -12.74
C ARG A 94 -12.68 5.38 -13.41
N PRO A 95 -13.10 6.65 -13.31
CA PRO A 95 -12.29 7.67 -13.95
C PRO A 95 -10.85 7.65 -13.33
N PRO A 96 -9.77 7.80 -14.15
CA PRO A 96 -8.41 7.68 -13.66
C PRO A 96 -8.12 8.57 -12.47
N SER A 97 -7.34 8.04 -11.52
CA SER A 97 -6.79 8.93 -10.44
C SER A 97 -6.02 10.09 -11.08
N LEU A 98 -6.25 11.32 -10.60
CA LEU A 98 -5.49 12.47 -11.09
C LEU A 98 -4.06 12.54 -10.55
N ILE A 99 -3.69 11.64 -9.65
CA ILE A 99 -2.31 11.62 -9.12
C ILE A 99 -1.65 10.26 -9.50
N LEU A 100 -2.25 9.13 -9.10
CA LEU A 100 -1.60 7.82 -9.33
C LEU A 100 -1.50 7.51 -10.83
N GLU A 101 -2.55 7.88 -11.59
CA GLU A 101 -2.65 7.50 -13.01
C GLU A 101 -2.48 8.73 -13.88
N ALA A 102 -1.50 9.53 -13.51
CA ALA A 102 -1.08 10.70 -14.30
C ALA A 102 0.40 10.74 -14.42
N ASP A 103 0.93 11.40 -15.49
CA ASP A 103 2.34 11.57 -15.62
C ASP A 103 2.70 13.07 -15.47
N PRO A 104 3.96 13.37 -15.14
CA PRO A 104 4.34 14.81 -15.16
C PRO A 104 4.13 15.34 -16.61
N PRO A 105 3.71 16.63 -16.79
CA PRO A 105 3.55 17.61 -15.71
C PRO A 105 2.20 17.59 -15.00
N ALA A 106 1.15 16.95 -15.56
CA ALA A 106 -0.16 16.94 -14.85
C ALA A 106 0.02 16.41 -13.41
N HIS A 107 0.82 15.34 -13.30
CA HIS A 107 1.03 14.69 -12.00
C HIS A 107 1.70 15.66 -10.99
N THR A 108 2.57 16.52 -11.50
CA THR A 108 3.35 17.37 -10.59
C THR A 108 2.42 18.30 -9.69
N ARG A 109 1.45 18.89 -10.35
CA ARG A 109 0.52 19.90 -9.77
C ARG A 109 -0.45 19.27 -8.77
N THR A 110 -0.94 18.04 -9.07
CA THR A 110 -1.91 17.38 -8.18
C THR A 110 -1.19 16.73 -7.03
N ARG A 111 -0.02 16.13 -7.29
CA ARG A 111 0.85 15.63 -6.19
C ARG A 111 1.19 16.76 -5.21
N ALA A 112 1.53 17.93 -5.75
CA ALA A 112 2.01 19.03 -4.84
C ALA A 112 0.87 19.41 -3.83
N VAL A 113 -0.39 19.32 -4.26
CA VAL A 113 -1.50 19.57 -3.33
C VAL A 113 -1.51 18.55 -2.20
N LEU A 114 -1.45 17.28 -2.54
CA LEU A 114 -1.49 16.26 -1.52
C LEU A 114 -0.20 16.27 -0.62
N SER A 115 0.96 16.66 -1.17
CA SER A 115 2.21 16.75 -0.36
C SER A 115 2.02 17.89 0.70
N LYS A 116 1.29 18.94 0.36
CA LYS A 116 1.05 20.04 1.35
C LYS A 116 0.01 19.59 2.39
N VAL A 117 -1.02 18.91 1.93
CA VAL A 117 -2.07 18.47 2.89
C VAL A 117 -1.52 17.48 3.93
N LEU A 118 -0.60 16.61 3.49
CA LEU A 118 -0.10 15.54 4.33
C LEU A 118 1.34 15.89 4.73
N SER A 119 1.59 17.17 5.06
CA SER A 119 2.99 17.63 5.18
C SER A 119 3.62 17.18 6.47
N PRO A 120 4.96 17.30 6.56
CA PRO A 120 5.56 16.93 7.86
C PRO A 120 5.05 17.80 9.04
N ALA A 121 4.73 19.07 8.76
CA ALA A 121 4.29 19.95 9.87
C ALA A 121 2.91 19.52 10.30
N THR A 122 2.08 19.10 9.36
CA THR A 122 0.75 18.54 9.62
C THR A 122 0.87 17.33 10.48
N MET A 123 1.81 16.44 10.18
CA MET A 123 1.98 15.29 11.03
C MET A 123 2.37 15.66 12.45
N LYS A 124 3.13 16.73 12.62
CA LYS A 124 3.50 17.11 13.97
C LYS A 124 2.31 17.70 14.73
N ARG A 125 1.48 18.49 14.08
CA ARG A 125 0.29 19.04 14.69
C ARG A 125 -0.68 17.93 15.06
N LEU A 126 -0.72 16.85 14.29
CA LEU A 126 -1.69 15.76 14.59
C LEU A 126 -1.17 14.64 15.45
N ARG A 127 0.10 14.73 15.79
CA ARG A 127 0.76 13.63 16.47
C ARG A 127 0.10 13.22 17.78
N ASP A 128 -0.19 14.13 18.69
CA ASP A 128 -0.80 13.72 19.98
C ASP A 128 -2.14 13.01 19.79
N GLY A 129 -2.95 13.39 18.82
CA GLY A 129 -4.26 12.73 18.60
C GLY A 129 -4.05 11.27 18.19
N PHE A 130 -3.08 11.06 17.33
CA PHE A 130 -2.80 9.71 16.83
C PHE A 130 -2.19 8.90 17.92
N ALA A 131 -1.25 9.50 18.66
CA ALA A 131 -0.57 8.75 19.75
C ALA A 131 -1.51 8.43 20.91
N ALA A 132 -2.39 9.37 21.28
CA ALA A 132 -3.34 9.08 22.39
C ALA A 132 -4.30 7.96 21.98
N ALA A 133 -4.71 7.91 20.74
CA ALA A 133 -5.63 6.84 20.31
C ALA A 133 -4.87 5.49 20.37
N ALA A 134 -3.59 5.50 19.99
CA ALA A 134 -2.85 4.20 19.99
C ALA A 134 -2.63 3.71 21.41
N ASP A 135 -2.28 4.64 22.30
CA ASP A 135 -2.12 4.28 23.73
C ASP A 135 -3.37 3.73 24.31
N ALA A 136 -4.49 4.39 24.01
CA ALA A 136 -5.76 3.97 24.56
C ALA A 136 -6.12 2.61 23.99
N LYS A 137 -5.89 2.41 22.70
CA LYS A 137 -6.21 1.07 22.12
C LYS A 137 -5.43 -0.10 22.79
N ILE A 138 -4.13 0.08 22.94
CA ILE A 138 -3.34 -0.99 23.56
C ILE A 138 -3.86 -1.22 24.99
N ASP A 139 -4.15 -0.11 25.73
CA ASP A 139 -4.76 -0.26 27.07
C ASP A 139 -6.03 -1.11 27.04
N GLU A 140 -6.93 -0.86 26.09
CA GLU A 140 -8.17 -1.60 25.94
C GLU A 140 -7.87 -3.06 25.70
N LEU A 141 -6.95 -3.32 24.77
CA LEU A 141 -6.62 -4.72 24.46
C LEU A 141 -6.07 -5.43 25.69
N LEU A 142 -5.26 -4.74 26.50
CA LEU A 142 -4.69 -5.42 27.71
C LEU A 142 -5.76 -5.65 28.75
N ALA A 143 -6.67 -4.70 28.87
CA ALA A 143 -7.79 -4.83 29.85
C ALA A 143 -8.76 -5.94 29.50
N ARG A 144 -8.84 -6.27 28.21
CA ARG A 144 -9.52 -7.47 27.79
C ARG A 144 -8.88 -8.77 28.12
N GLY A 145 -7.66 -8.71 28.60
CA GLY A 145 -6.90 -9.90 28.88
C GLY A 145 -5.79 -10.16 27.88
N GLY A 146 -5.68 -9.35 26.80
CA GLY A 146 -4.55 -9.53 25.91
C GLY A 146 -4.71 -10.57 24.78
N ASN A 147 -5.76 -11.40 24.86
CA ASN A 147 -6.07 -12.47 23.92
C ASN A 147 -7.01 -11.87 22.85
N ILE A 148 -6.39 -11.28 21.82
CA ILE A 148 -7.14 -10.40 20.88
C ILE A 148 -6.75 -10.78 19.43
N ASP A 149 -7.60 -10.35 18.48
CA ASP A 149 -7.28 -10.60 17.05
C ASP A 149 -6.51 -9.39 16.58
N ALA A 150 -5.23 -9.58 16.26
CA ALA A 150 -4.41 -8.48 15.79
C ALA A 150 -4.96 -7.76 14.56
N ILE A 151 -5.84 -8.42 13.80
CA ILE A 151 -6.42 -7.78 12.61
C ILE A 151 -7.67 -6.95 13.06
N ALA A 152 -8.81 -7.61 13.29
CA ALA A 152 -10.02 -6.89 13.68
C ALA A 152 -9.77 -5.87 14.85
N ASP A 153 -9.06 -6.31 15.90
CA ASP A 153 -8.98 -5.54 17.13
C ASP A 153 -7.92 -4.49 17.13
N LEU A 154 -7.02 -4.46 16.14
CA LEU A 154 -5.90 -3.57 16.20
C LEU A 154 -5.52 -3.00 14.81
N ALA A 155 -5.07 -3.86 13.91
CA ALA A 155 -4.67 -3.38 12.57
C ALA A 155 -5.84 -2.72 11.89
N GLU A 156 -7.05 -3.28 12.02
CA GLU A 156 -8.20 -2.59 11.50
C GLU A 156 -8.76 -1.48 12.42
N ALA A 157 -8.95 -1.80 13.70
CA ALA A 157 -9.57 -0.88 14.62
C ALA A 157 -8.82 0.43 14.74
N TYR A 158 -7.49 0.36 14.84
CA TYR A 158 -6.73 1.60 15.08
C TYR A 158 -6.89 2.62 13.91
N PRO A 159 -6.60 2.23 12.65
CA PRO A 159 -6.76 3.25 11.58
C PRO A 159 -8.23 3.71 11.49
N LEU A 160 -9.16 2.80 11.70
CA LEU A 160 -10.57 3.27 11.72
C LEU A 160 -10.87 4.35 12.78
N SER A 161 -10.11 4.34 13.86
CA SER A 161 -10.28 5.26 15.03
C SER A 161 -9.65 6.61 14.81
N VAL A 162 -8.82 6.74 13.79
CA VAL A 162 -8.13 8.03 13.54
C VAL A 162 -8.26 8.56 12.13
N PHE A 163 -8.22 7.71 11.11
CA PHE A 163 -8.11 8.25 9.74
C PHE A 163 -9.40 8.89 9.19
N PRO A 164 -10.57 8.22 9.35
CA PRO A 164 -11.81 8.87 8.89
C PRO A 164 -12.01 10.22 9.60
N ASP A 165 -11.74 10.32 10.91
CA ASP A 165 -11.85 11.61 11.61
C ASP A 165 -10.82 12.62 11.02
N ALA A 166 -9.57 12.20 10.72
CA ALA A 166 -8.56 13.09 10.19
C ALA A 166 -8.99 13.59 8.82
N MET A 167 -9.74 12.76 8.09
CA MET A 167 -10.27 13.16 6.77
C MET A 167 -11.39 14.17 6.95
N GLY A 168 -12.04 14.13 8.10
CA GLY A 168 -13.28 14.97 8.27
C GLY A 168 -14.53 14.28 7.73
N LEU A 169 -14.55 12.93 7.68
CA LEU A 169 -15.77 12.18 7.23
C LEU A 169 -16.83 12.17 8.29
N LYS A 170 -18.11 12.24 7.88
CA LYS A 170 -19.21 12.01 8.82
C LYS A 170 -19.10 10.61 9.41
N GLN A 171 -19.78 10.38 10.55
CA GLN A 171 -19.79 9.10 11.25
C GLN A 171 -20.50 8.06 10.40
N GLU A 172 -21.66 8.42 9.85
CA GLU A 172 -22.50 7.46 9.13
C GLU A 172 -21.88 6.97 7.82
N GLY A 173 -21.90 5.65 7.56
CA GLY A 173 -21.49 5.15 6.21
C GLY A 173 -20.06 4.66 6.19
N ARG A 174 -19.37 4.75 7.31
CA ARG A 174 -17.90 4.47 7.30
C ARG A 174 -17.63 2.98 7.03
N GLU A 175 -18.64 2.13 7.25
CA GLU A 175 -18.51 0.71 6.89
C GLU A 175 -18.22 0.52 5.39
N ASN A 176 -18.39 1.55 4.57
CA ASN A 176 -18.11 1.42 3.16
C ASN A 176 -16.63 1.54 2.82
N LEU A 177 -15.83 2.03 3.76
CA LEU A 177 -14.43 2.43 3.42
C LEU A 177 -13.54 1.26 3.12
N LEU A 178 -13.52 0.27 4.00
CA LEU A 178 -12.65 -0.89 3.70
C LEU A 178 -13.12 -1.71 2.44
N PRO A 179 -14.42 -1.94 2.28
CA PRO A 179 -14.85 -2.57 0.99
C PRO A 179 -14.44 -1.77 -0.23
N TYR A 180 -14.57 -0.43 -0.16
CA TYR A 180 -14.15 0.39 -1.28
C TYR A 180 -12.65 0.20 -1.59
N ALA A 181 -11.82 0.26 -0.54
CA ALA A 181 -10.39 0.03 -0.77
C ALA A 181 -10.09 -1.37 -1.36
N GLY A 182 -10.76 -2.40 -0.83
CA GLY A 182 -10.61 -3.79 -1.31
C GLY A 182 -10.92 -3.81 -2.79
N LEU A 183 -12.01 -3.14 -3.18
CA LEU A 183 -12.36 -3.02 -4.59
C LEU A 183 -11.25 -2.34 -5.41
N VAL A 184 -10.81 -1.13 -5.02
CA VAL A 184 -9.77 -0.41 -5.78
C VAL A 184 -8.52 -1.30 -5.98
N PHE A 185 -8.10 -1.97 -4.89
CA PHE A 185 -6.87 -2.83 -4.96
C PHE A 185 -7.11 -4.11 -5.76
N ASN A 186 -8.31 -4.64 -5.70
CA ASN A 186 -8.59 -5.76 -6.61
C ASN A 186 -8.65 -5.39 -8.07
N ALA A 187 -9.10 -4.16 -8.32
CA ALA A 187 -9.34 -3.73 -9.69
C ALA A 187 -8.09 -3.40 -10.48
N PHE A 188 -6.94 -3.21 -9.82
CA PHE A 188 -5.66 -3.12 -10.57
C PHE A 188 -5.29 -4.48 -11.16
N GLY A 189 -5.86 -5.54 -10.61
CA GLY A 189 -5.57 -6.90 -11.00
C GLY A 189 -6.18 -7.26 -12.38
N PRO A 190 -5.88 -8.47 -12.85
CA PRO A 190 -6.49 -8.95 -14.10
C PRO A 190 -7.98 -9.28 -13.82
N PRO A 191 -8.72 -9.57 -14.88
CA PRO A 191 -10.11 -9.89 -14.79
C PRO A 191 -10.37 -11.33 -14.25
N ASN A 192 -9.95 -11.58 -13.02
CA ASN A 192 -10.17 -12.85 -12.38
C ASN A 192 -11.38 -12.74 -11.48
N GLU A 193 -11.67 -13.81 -10.75
CA GLU A 193 -12.82 -13.82 -9.87
C GLU A 193 -12.81 -12.68 -8.82
N LEU A 194 -11.66 -12.44 -8.18
CA LEU A 194 -11.54 -11.44 -7.17
C LEU A 194 -11.95 -10.10 -7.78
N ARG A 195 -11.46 -9.81 -8.97
CA ARG A 195 -11.80 -8.50 -9.57
C ARG A 195 -13.27 -8.43 -9.98
N GLN A 196 -13.74 -9.47 -10.69
CA GLN A 196 -15.12 -9.49 -11.26
C GLN A 196 -16.15 -9.32 -10.18
N SER A 197 -15.96 -10.08 -9.11
CA SER A 197 -16.83 -10.12 -7.98
C SER A 197 -16.84 -8.76 -7.27
N ALA A 198 -15.66 -8.18 -7.04
CA ALA A 198 -15.64 -6.86 -6.35
C ALA A 198 -16.40 -5.77 -7.13
N ILE A 199 -16.15 -5.74 -8.44
CA ILE A 199 -16.82 -4.75 -9.31
C ILE A 199 -18.32 -4.99 -9.30
N GLU A 200 -18.73 -6.26 -9.29
CA GLU A 200 -20.18 -6.56 -9.27
C GLU A 200 -20.87 -6.09 -8.03
N ARG A 201 -20.20 -6.15 -6.88
CA ARG A 201 -20.78 -5.70 -5.64
C ARG A 201 -20.44 -4.22 -5.30
N SER A 202 -19.86 -3.47 -6.23
CA SER A 202 -19.21 -2.16 -5.90
C SER A 202 -20.14 -0.94 -5.74
N ALA A 203 -21.32 -1.01 -6.36
CA ALA A 203 -22.12 0.22 -6.51
C ALA A 203 -22.31 1.01 -5.22
N PRO A 204 -22.79 0.38 -4.13
CA PRO A 204 -23.03 1.17 -2.92
C PRO A 204 -21.74 1.80 -2.33
N HIS A 205 -20.63 1.10 -2.48
CA HIS A 205 -19.38 1.57 -1.95
C HIS A 205 -18.92 2.76 -2.78
N GLN A 206 -19.00 2.64 -4.11
CA GLN A 206 -18.61 3.72 -5.01
C GLN A 206 -19.45 4.98 -4.79
N ALA A 207 -20.76 4.74 -4.62
CA ALA A 207 -21.69 5.85 -4.39
C ALA A 207 -21.37 6.58 -3.09
N TYR A 208 -21.13 5.83 -2.03
CA TYR A 208 -20.77 6.42 -0.73
C TYR A 208 -19.53 7.31 -0.91
N VAL A 209 -18.51 6.76 -1.54
CA VAL A 209 -17.27 7.51 -1.74
C VAL A 209 -17.50 8.77 -2.56
N ALA A 210 -18.16 8.63 -3.70
CA ALA A 210 -18.47 9.75 -4.61
C ALA A 210 -19.11 10.90 -3.80
N GLU A 211 -20.07 10.56 -2.96
CA GLU A 211 -20.75 11.58 -2.12
C GLU A 211 -19.82 12.23 -1.12
N GLN A 212 -19.06 11.40 -0.40
CA GLN A 212 -18.26 11.94 0.71
C GLN A 212 -17.12 12.78 0.13
N CYS A 213 -16.76 12.62 -1.14
CA CYS A 213 -15.70 13.49 -1.66
C CYS A 213 -16.14 14.96 -1.83
N GLN A 214 -17.45 15.19 -1.77
CA GLN A 214 -17.95 16.55 -2.11
C GLN A 214 -17.76 17.44 -0.94
N ARG A 215 -17.50 18.69 -1.28
CA ARG A 215 -17.15 19.68 -0.22
C ARG A 215 -18.07 19.84 1.01
N PRO A 216 -19.39 19.91 0.78
CA PRO A 216 -20.27 20.08 1.92
C PRO A 216 -20.30 18.91 2.90
N ASN A 217 -19.76 17.76 2.51
CA ASN A 217 -19.83 16.57 3.31
C ASN A 217 -18.57 16.36 4.17
N LEU A 218 -17.63 17.30 4.11
CA LEU A 218 -16.29 17.16 4.75
C LEU A 218 -16.07 18.23 5.81
N ALA A 219 -15.95 17.78 7.06
CA ALA A 219 -15.85 18.66 8.21
C ALA A 219 -14.67 19.62 8.08
N PRO A 220 -14.87 20.86 8.60
CA PRO A 220 -13.73 21.84 8.59
C PRO A 220 -12.53 21.29 9.32
N GLY A 221 -11.33 21.64 8.86
CA GLY A 221 -10.14 21.32 9.63
C GLY A 221 -9.53 19.99 9.19
N GLY A 222 -10.28 19.14 8.47
CA GLY A 222 -9.78 17.79 8.10
C GLY A 222 -9.11 17.78 6.73
N PHE A 223 -8.58 16.61 6.32
CA PHE A 223 -7.80 16.59 5.10
C PHE A 223 -8.69 16.94 3.87
N GLY A 224 -9.90 16.37 3.88
CA GLY A 224 -10.90 16.64 2.82
C GLY A 224 -11.10 18.17 2.64
N ALA A 225 -11.36 18.89 3.70
CA ALA A 225 -11.65 20.32 3.54
C ALA A 225 -10.41 21.08 3.14
N CYS A 226 -9.26 20.64 3.66
CA CYS A 226 -7.98 21.21 3.25
CA CYS A 226 -7.99 21.22 3.26
C CYS A 226 -7.74 21.10 1.71
N ILE A 227 -8.06 19.95 1.12
CA ILE A 227 -7.96 19.79 -0.34
C ILE A 227 -8.87 20.79 -1.06
N HIS A 228 -10.10 20.84 -0.58
CA HIS A 228 -11.11 21.72 -1.20
C HIS A 228 -10.70 23.17 -1.10
N ALA A 229 -9.96 23.53 -0.06
CA ALA A 229 -9.46 24.92 0.03
C ALA A 229 -8.54 25.31 -1.14
N PHE A 230 -7.83 24.34 -1.74
CA PHE A 230 -6.97 24.64 -2.89
C PHE A 230 -7.78 25.03 -4.13
N SER A 231 -9.07 24.74 -4.14
CA SER A 231 -9.87 25.21 -5.24
C SER A 231 -10.24 26.69 -5.09
N ASP A 232 -10.13 27.23 -3.89
CA ASP A 232 -10.54 28.61 -3.65
C ASP A 232 -9.46 29.56 -4.14
N THR A 233 -8.21 29.12 -4.07
CA THR A 233 -6.98 29.91 -4.52
C THR A 233 -6.61 29.74 -5.99
N GLY A 234 -7.36 28.92 -6.70
CA GLY A 234 -7.14 28.60 -8.11
C GLY A 234 -6.09 27.54 -8.37
N GLU A 235 -5.47 26.99 -7.32
CA GLU A 235 -4.41 26.01 -7.54
C GLU A 235 -4.92 24.72 -8.20
N ILE A 236 -6.15 24.32 -7.86
CA ILE A 236 -6.88 23.28 -8.58
C ILE A 236 -8.29 23.77 -8.81
N THR A 237 -8.98 23.06 -9.69
CA THR A 237 -10.39 23.38 -9.92
C THR A 237 -11.31 22.66 -8.95
N PRO A 238 -12.56 23.12 -8.90
CA PRO A 238 -13.56 22.48 -8.07
C PRO A 238 -13.91 21.08 -8.57
N GLU A 239 -13.69 20.77 -9.84
CA GLU A 239 -13.91 19.35 -10.21
C GLU A 239 -12.70 18.42 -9.94
N GLU A 240 -11.50 18.99 -9.89
CA GLU A 240 -10.33 18.24 -9.39
C GLU A 240 -10.37 17.88 -7.91
N ALA A 241 -10.89 18.81 -7.12
CA ALA A 241 -10.83 18.67 -5.68
C ALA A 241 -11.45 17.34 -5.17
N PRO A 242 -12.69 17.01 -5.58
CA PRO A 242 -13.29 15.76 -5.05
C PRO A 242 -12.53 14.51 -5.54
N LEU A 243 -11.95 14.56 -6.72
CA LEU A 243 -11.08 13.44 -7.18
C LEU A 243 -9.80 13.24 -6.34
N LEU A 244 -9.22 14.35 -5.84
CA LEU A 244 -8.03 14.24 -4.99
C LEU A 244 -8.50 13.70 -3.62
N VAL A 245 -9.70 14.11 -3.16
CA VAL A 245 -10.24 13.46 -1.95
C VAL A 245 -10.44 11.93 -2.21
N ARG A 246 -10.92 11.58 -3.41
CA ARG A 246 -11.12 10.18 -3.79
C ARG A 246 -9.79 9.37 -3.67
N SER A 247 -8.66 10.02 -3.95
CA SER A 247 -7.36 9.34 -3.81
C SER A 247 -7.09 8.95 -2.36
N LEU A 248 -7.36 9.86 -1.42
CA LEU A 248 -7.09 9.57 -0.03
C LEU A 248 -8.07 8.52 0.50
N LEU A 249 -9.34 8.56 0.03
CA LEU A 249 -10.32 7.53 0.49
C LEU A 249 -10.01 6.19 -0.16
N SER A 250 -9.22 6.19 -1.23
CA SER A 250 -8.85 4.93 -1.93
C SER A 250 -7.71 4.27 -1.24
N ALA A 251 -6.67 5.07 -0.93
CA ALA A 251 -5.35 4.54 -0.55
C ALA A 251 -5.04 4.78 0.89
N GLY A 252 -5.83 5.58 1.60
CA GLY A 252 -5.39 6.06 2.92
C GLY A 252 -5.71 5.21 4.13
N LEU A 253 -6.59 4.21 3.95
CA LEU A 253 -7.00 3.42 5.12
C LEU A 253 -6.47 1.95 5.03
N ASP A 254 -6.77 1.23 3.94
CA ASP A 254 -6.49 -0.20 3.96
C ASP A 254 -4.99 -0.48 3.80
N THR A 255 -4.27 0.47 3.22
CA THR A 255 -2.80 0.33 3.13
C THR A 255 -2.23 0.25 4.60
N THR A 256 -2.68 1.18 5.46
CA THR A 256 -2.14 1.29 6.85
C THR A 256 -2.63 0.14 7.66
N VAL A 257 -3.83 -0.38 7.36
CA VAL A 257 -4.33 -1.53 8.07
C VAL A 257 -3.32 -2.68 7.78
N ASN A 258 -3.02 -2.91 6.50
CA ASN A 258 -2.09 -3.98 6.20
C ASN A 258 -0.62 -3.74 6.58
N GLY A 259 -0.18 -2.50 6.66
CA GLY A 259 1.18 -2.22 7.12
C GLY A 259 1.25 -2.46 8.62
N ILE A 260 0.19 -2.03 9.38
CA ILE A 260 0.16 -2.30 10.83
C ILE A 260 0.11 -3.81 11.08
N ALA A 261 -0.74 -4.52 10.33
CA ALA A 261 -0.82 -5.99 10.38
C ALA A 261 0.55 -6.61 10.10
N ALA A 262 1.30 -6.06 9.14
CA ALA A 262 2.62 -6.64 8.79
C ALA A 262 3.53 -6.50 10.04
N ALA A 263 3.54 -5.29 10.59
CA ALA A 263 4.40 -5.03 11.74
C ALA A 263 4.08 -5.92 12.93
N VAL A 264 2.80 -6.04 13.27
CA VAL A 264 2.43 -6.92 14.44
C VAL A 264 2.77 -8.37 14.13
N TYR A 265 2.51 -8.79 12.90
CA TYR A 265 2.79 -10.22 12.54
C TYR A 265 4.31 -10.49 12.63
N CYS A 266 5.11 -9.58 12.07
CA CYS A 266 6.58 -9.67 12.22
C CYS A 266 7.02 -9.75 13.73
N LEU A 267 6.54 -8.82 14.54
CA LEU A 267 7.02 -8.80 15.92
C LEU A 267 6.56 -10.03 16.69
N ALA A 268 5.35 -10.51 16.35
CA ALA A 268 4.81 -11.73 16.99
C ALA A 268 5.60 -12.96 16.67
N ARG A 269 6.04 -13.09 15.42
CA ARG A 269 6.83 -14.28 15.04
C ARG A 269 8.26 -14.21 15.57
N PHE A 270 8.77 -12.98 15.82
CA PHE A 270 10.22 -12.80 16.01
C PHE A 270 10.49 -12.09 17.34
N PRO A 271 10.37 -12.86 18.43
CA PRO A 271 10.43 -12.27 19.77
C PRO A 271 11.71 -11.50 20.10
N ASP A 272 12.83 -11.92 19.53
CA ASP A 272 14.06 -11.23 19.78
C ASP A 272 13.98 -9.81 19.25
N GLU A 273 13.27 -9.62 18.14
CA GLU A 273 13.15 -8.26 17.60
C GLU A 273 12.19 -7.38 18.46
N PHE A 274 11.09 -7.97 18.90
CA PHE A 274 10.27 -7.24 19.84
C PHE A 274 11.10 -6.86 21.10
N ALA A 275 11.89 -7.79 21.63
CA ALA A 275 12.69 -7.44 22.82
C ALA A 275 13.68 -6.32 22.52
N ARG A 276 14.22 -6.30 21.31
CA ARG A 276 15.07 -5.16 20.90
C ARG A 276 14.32 -3.85 20.83
N LEU A 277 13.11 -3.90 20.28
CA LEU A 277 12.22 -2.72 20.29
C LEU A 277 11.91 -2.26 21.71
N ARG A 278 11.63 -3.20 22.61
CA ARG A 278 11.43 -2.80 24.04
C ARG A 278 12.68 -2.12 24.64
N ALA A 279 13.87 -2.63 24.32
CA ALA A 279 15.10 -2.07 24.87
C ALA A 279 15.31 -0.69 24.35
N ASP A 280 15.00 -0.45 23.08
CA ASP A 280 15.20 0.90 22.49
C ASP A 280 13.95 1.31 21.74
N PRO A 281 12.95 1.87 22.44
CA PRO A 281 11.71 2.22 21.72
C PRO A 281 11.87 3.22 20.59
N SER A 282 13.03 3.87 20.52
CA SER A 282 13.31 4.75 19.41
C SER A 282 13.44 3.95 18.08
N LEU A 283 13.43 2.61 18.15
CA LEU A 283 13.46 1.79 16.94
C LEU A 283 12.06 1.60 16.35
N ALA A 284 11.04 2.24 16.93
CA ALA A 284 9.64 2.04 16.46
C ALA A 284 9.51 2.31 14.95
N ARG A 285 10.07 3.46 14.52
CA ARG A 285 9.90 3.90 13.13
C ARG A 285 10.55 2.87 12.22
N ASN A 286 11.78 2.46 12.55
CA ASN A 286 12.49 1.54 11.63
C ASN A 286 11.88 0.16 11.68
N ALA A 287 11.26 -0.21 12.81
CA ALA A 287 10.63 -1.52 12.91
C ALA A 287 9.45 -1.63 11.98
N PHE A 288 8.75 -0.50 11.87
CA PHE A 288 7.60 -0.39 11.00
C PHE A 288 8.08 -0.38 9.55
N GLU A 289 9.14 0.34 9.26
CA GLU A 289 9.66 0.46 7.88
C GLU A 289 10.13 -0.95 7.41
N GLU A 290 10.83 -1.66 8.30
CA GLU A 290 11.35 -3.03 8.04
C GLU A 290 10.20 -4.00 7.85
N ALA A 291 9.07 -3.79 8.55
CA ALA A 291 7.90 -4.62 8.24
C ALA A 291 7.29 -4.36 6.88
N VAL A 292 7.31 -3.09 6.46
CA VAL A 292 6.85 -2.74 5.12
C VAL A 292 7.76 -3.39 4.05
N ARG A 293 9.09 -3.39 4.28
CA ARG A 293 10.01 -4.11 3.33
C ARG A 293 9.66 -5.59 3.35
N PHE A 294 9.53 -6.14 4.56
CA PHE A 294 9.47 -7.57 4.76
C PHE A 294 8.19 -8.18 4.22
N GLU A 295 7.08 -7.55 4.52
CA GLU A 295 5.83 -8.06 3.95
C GLU A 295 5.40 -7.43 2.63
N SER A 296 5.75 -6.17 2.40
CA SER A 296 5.32 -5.45 1.17
C SER A 296 3.78 -5.51 0.98
N PRO A 297 3.03 -4.87 1.91
CA PRO A 297 1.57 -4.96 1.87
C PRO A 297 1.03 -4.53 0.55
N VAL A 298 1.67 -3.55 -0.13
CA VAL A 298 1.28 -3.26 -1.52
C VAL A 298 2.29 -4.03 -2.42
N GLN A 299 1.80 -5.13 -3.04
CA GLN A 299 2.71 -6.09 -3.68
C GLN A 299 3.25 -5.71 -5.05
N THR A 300 2.39 -5.10 -5.85
CA THR A 300 2.63 -4.96 -7.30
C THR A 300 2.02 -3.67 -7.82
N PHE A 301 2.63 -3.07 -8.87
CA PHE A 301 1.88 -2.16 -9.72
C PHE A 301 2.40 -2.35 -11.14
N PHE A 302 1.64 -1.83 -12.09
CA PHE A 302 2.11 -1.88 -13.49
C PHE A 302 2.50 -0.51 -13.99
N ARG A 303 3.25 -0.50 -15.10
CA ARG A 303 3.46 0.68 -15.93
C ARG A 303 3.22 0.27 -17.38
N THR A 304 3.20 1.26 -18.27
CA THR A 304 2.99 0.98 -19.69
C THR A 304 4.11 1.73 -20.47
N THR A 305 4.84 1.04 -21.34
CA THR A 305 5.90 1.69 -22.15
C THR A 305 5.28 2.68 -23.14
N THR A 306 5.94 3.81 -23.28
CA THR A 306 5.47 4.89 -24.18
C THR A 306 6.33 4.93 -25.43
N ARG A 307 7.31 4.05 -25.50
CA ARG A 307 8.29 4.01 -26.60
C ARG A 307 8.96 2.62 -26.63
N ASP A 308 9.66 2.30 -27.72
CA ASP A 308 10.54 1.11 -27.67
C ASP A 308 11.69 1.32 -26.75
N VAL A 309 11.97 0.35 -25.87
CA VAL A 309 13.04 0.53 -24.87
C VAL A 309 13.88 -0.72 -24.74
N GLU A 310 15.09 -0.52 -24.23
CA GLU A 310 15.98 -1.61 -23.89
C GLU A 310 16.02 -1.57 -22.36
N LEU A 311 15.76 -2.70 -21.71
CA LEU A 311 15.79 -2.78 -20.22
C LEU A 311 16.57 -4.05 -19.86
N ALA A 312 17.74 -3.87 -19.27
CA ALA A 312 18.55 -4.99 -18.82
C ALA A 312 18.70 -6.04 -19.92
N GLY A 313 19.02 -5.56 -21.12
CA GLY A 313 19.27 -6.54 -22.15
C GLY A 313 18.03 -6.96 -22.95
N ALA A 314 16.80 -6.68 -22.44
CA ALA A 314 15.58 -7.02 -23.14
C ALA A 314 15.16 -5.90 -24.04
N THR A 315 14.51 -6.26 -25.13
CA THR A 315 13.74 -5.28 -25.87
C THR A 315 12.28 -5.33 -25.41
N ILE A 316 11.70 -4.14 -25.18
CA ILE A 316 10.28 -4.03 -24.90
C ILE A 316 9.71 -3.01 -25.89
N GLY A 317 8.69 -3.40 -26.67
CA GLY A 317 7.99 -2.50 -27.58
C GLY A 317 7.16 -1.43 -26.90
N GLU A 318 6.78 -0.40 -27.66
CA GLU A 318 5.82 0.61 -27.18
C GLU A 318 4.52 -0.05 -26.80
N GLY A 319 3.90 0.43 -25.72
CA GLY A 319 2.51 0.06 -25.41
C GLY A 319 2.39 -1.33 -24.75
N GLU A 320 3.44 -1.74 -24.04
CA GLU A 320 3.41 -3.00 -23.35
C GLU A 320 3.28 -2.72 -21.89
N LYS A 321 2.55 -3.60 -21.20
CA LYS A 321 2.47 -3.50 -19.75
C LYS A 321 3.65 -4.15 -19.13
N VAL A 322 4.17 -3.51 -18.06
CA VAL A 322 5.28 -4.07 -17.30
C VAL A 322 4.84 -4.22 -15.83
N LEU A 323 4.80 -5.47 -15.34
CA LEU A 323 4.41 -5.72 -13.93
C LEU A 323 5.63 -5.66 -13.03
N MET A 324 5.60 -4.78 -12.03
CA MET A 324 6.70 -4.62 -11.06
C MET A 324 6.37 -5.37 -9.82
N PHE A 325 7.21 -6.28 -9.41
CA PHE A 325 6.96 -7.03 -8.17
C PHE A 325 7.71 -6.34 -7.03
N LEU A 326 7.03 -5.39 -6.36
CA LEU A 326 7.66 -4.61 -5.26
C LEU A 326 8.03 -5.55 -4.12
N GLY A 327 7.18 -6.55 -3.85
CA GLY A 327 7.47 -7.46 -2.69
C GLY A 327 8.68 -8.37 -2.95
N SER A 328 8.84 -8.81 -4.20
CA SER A 328 10.02 -9.59 -4.59
C SER A 328 11.25 -8.66 -4.58
N ALA A 329 11.12 -7.42 -5.10
CA ALA A 329 12.27 -6.49 -5.05
C ALA A 329 12.78 -6.29 -3.65
N ASN A 330 11.86 -6.17 -2.71
CA ASN A 330 12.18 -6.00 -1.31
C ASN A 330 12.79 -7.22 -0.60
N ARG A 331 12.76 -8.40 -1.24
CA ARG A 331 13.38 -9.63 -0.74
C ARG A 331 14.53 -10.14 -1.65
N ASP A 332 15.02 -9.30 -2.55
CA ASP A 332 15.94 -9.77 -3.58
C ASP A 332 17.35 -9.87 -2.93
N PRO A 333 17.92 -11.10 -2.88
CA PRO A 333 19.23 -11.28 -2.25
C PRO A 333 20.33 -10.53 -3.02
N ARG A 334 20.07 -10.11 -4.28
CA ARG A 334 21.03 -9.24 -4.98
C ARG A 334 21.19 -7.86 -4.30
N ARG A 335 20.21 -7.45 -3.50
CA ARG A 335 20.22 -6.11 -2.88
C ARG A 335 20.22 -6.16 -1.36
N TRP A 336 19.53 -7.13 -0.78
CA TRP A 336 19.37 -7.17 0.69
C TRP A 336 20.19 -8.31 1.29
N ASP A 337 21.07 -8.01 2.23
CA ASP A 337 21.74 -9.04 3.04
C ASP A 337 20.66 -9.84 3.84
N ASP A 338 20.61 -11.17 3.73
CA ASP A 338 19.69 -12.03 4.57
C ASP A 338 18.24 -11.46 4.42
N PRO A 339 17.73 -11.44 3.18
CA PRO A 339 16.49 -10.70 2.90
C PRO A 339 15.26 -11.28 3.62
N ASP A 340 15.30 -12.57 4.00
CA ASP A 340 14.16 -13.19 4.73
C ASP A 340 14.19 -13.07 6.22
N ARG A 341 15.13 -12.26 6.72
CA ARG A 341 15.19 -11.94 8.13
C ARG A 341 14.51 -10.62 8.42
N TYR A 342 13.64 -10.60 9.44
CA TYR A 342 13.08 -9.34 9.93
C TYR A 342 14.08 -8.71 10.89
N ASP A 343 14.77 -7.65 10.46
CA ASP A 343 15.79 -7.01 11.24
C ASP A 343 15.52 -5.53 11.50
N ILE A 344 15.11 -5.19 12.73
CA ILE A 344 14.58 -3.84 12.97
C ILE A 344 15.67 -2.80 13.02
N THR A 345 16.93 -3.23 12.95
CA THR A 345 17.99 -2.23 12.68
C THR A 345 18.57 -2.18 11.26
N ARG A 346 17.97 -2.91 10.32
CA ARG A 346 18.39 -2.91 8.93
C ARG A 346 18.34 -1.48 8.33
N LYS A 347 19.30 -1.22 7.47
CA LYS A 347 19.33 0.06 6.80
C LYS A 347 18.27 -0.18 5.70
N THR A 348 17.07 0.37 5.90
CA THR A 348 15.93 0.04 5.01
C THR A 348 15.80 1.04 3.86
N SER A 349 16.54 2.15 3.94
CA SER A 349 16.46 3.17 2.92
C SER A 349 16.55 2.58 1.52
N GLY A 350 15.66 2.99 0.62
CA GLY A 350 15.72 2.46 -0.74
C GLY A 350 14.79 1.29 -1.00
N HIS A 351 14.19 0.71 0.05
CA HIS A 351 13.18 -0.35 -0.23
C HIS A 351 12.06 0.29 -1.07
N VAL A 352 11.30 -0.54 -1.77
CA VAL A 352 10.30 -0.02 -2.68
C VAL A 352 8.86 -0.31 -2.19
N GLY A 353 8.72 -0.63 -0.90
CA GLY A 353 7.39 -0.88 -0.34
C GLY A 353 6.43 0.33 -0.44
N PHE A 354 6.99 1.54 -0.49
CA PHE A 354 6.23 2.75 -0.77
C PHE A 354 6.48 3.26 -2.19
N GLY A 355 7.04 2.42 -3.06
CA GLY A 355 7.43 2.88 -4.40
C GLY A 355 8.75 3.64 -4.39
N SER A 356 9.03 4.34 -5.50
CA SER A 356 10.28 5.09 -5.60
C SER A 356 10.11 6.09 -6.73
N GLY A 357 10.68 7.28 -6.55
CA GLY A 357 10.64 8.24 -7.63
C GLY A 357 9.44 9.16 -7.50
N VAL A 358 8.97 9.66 -8.63
CA VAL A 358 7.98 10.79 -8.55
C VAL A 358 6.62 10.43 -7.95
N HIS A 359 6.27 9.14 -8.03
CA HIS A 359 4.99 8.70 -7.45
C HIS A 359 5.18 8.08 -6.06
N MET A 360 6.39 8.12 -5.50
CA MET A 360 6.61 7.50 -4.18
C MET A 360 5.58 7.98 -3.17
N CYS A 361 5.05 7.01 -2.42
CA CYS A 361 3.83 7.24 -1.62
C CYS A 361 3.71 8.65 -1.05
N VAL A 362 2.67 9.42 -1.46
CA VAL A 362 2.48 10.79 -0.92
C VAL A 362 2.00 10.77 0.54
N GLY A 363 1.44 9.63 0.93
CA GLY A 363 0.89 9.51 2.27
C GLY A 363 1.82 8.82 3.20
N GLN A 364 3.09 8.67 2.81
CA GLN A 364 3.97 7.86 3.63
C GLN A 364 4.14 8.48 5.06
N LEU A 365 4.06 9.81 5.20
CA LEU A 365 4.24 10.39 6.53
C LEU A 365 3.04 10.02 7.42
N VAL A 366 1.86 9.81 6.82
CA VAL A 366 0.68 9.41 7.63
C VAL A 366 0.88 7.92 8.04
N ALA A 367 1.23 7.08 7.05
CA ALA A 367 1.44 5.64 7.31
C ALA A 367 2.50 5.43 8.40
N ARG A 368 3.60 6.18 8.30
CA ARG A 368 4.70 6.02 9.31
C ARG A 368 4.30 6.54 10.66
N LEU A 369 3.54 7.64 10.70
CA LEU A 369 3.02 8.19 12.01
C LEU A 369 2.14 7.12 12.68
N GLU A 370 1.22 6.50 11.90
CA GLU A 370 0.30 5.47 12.49
C GLU A 370 1.07 4.28 12.97
N GLY A 371 2.04 3.84 12.15
CA GLY A 371 2.84 2.64 12.51
C GLY A 371 3.72 2.93 13.71
N GLU A 372 4.31 4.09 13.76
CA GLU A 372 5.22 4.42 14.87
C GLU A 372 4.47 4.43 16.19
N VAL A 373 3.35 5.16 16.24
CA VAL A 373 2.59 5.35 17.48
C VAL A 373 2.06 4.02 17.99
N VAL A 374 1.65 3.14 17.07
CA VAL A 374 1.15 1.79 17.47
C VAL A 374 2.33 0.98 18.04
N LEU A 375 3.45 0.96 17.35
CA LEU A 375 4.58 0.21 17.82
C LEU A 375 5.16 0.80 19.14
N ALA A 376 5.15 2.13 19.26
CA ALA A 376 5.62 2.79 20.50
C ALA A 376 4.75 2.38 21.72
N ALA A 377 3.43 2.34 21.52
CA ALA A 377 2.49 1.92 22.57
C ALA A 377 2.73 0.48 22.95
N LEU A 378 3.02 -0.39 21.97
CA LEU A 378 3.31 -1.82 22.25
C LEU A 378 4.61 -1.89 23.01
N ALA A 379 5.61 -1.12 22.57
CA ALA A 379 6.98 -1.17 23.17
C ALA A 379 6.94 -0.78 24.67
N ARG A 380 6.12 0.23 25.01
CA ARG A 380 6.00 0.70 26.38
C ARG A 380 5.11 -0.16 27.24
N LYS A 381 4.03 -0.73 26.66
CA LYS A 381 2.99 -1.32 27.49
C LYS A 381 2.93 -2.83 27.50
N VAL A 382 3.62 -3.45 26.56
CA VAL A 382 3.56 -4.88 26.36
C VAL A 382 4.91 -5.52 26.54
N ALA A 383 4.94 -6.62 27.35
CA ALA A 383 6.21 -7.31 27.73
C ALA A 383 6.55 -8.37 26.69
N ALA A 384 5.52 -8.94 26.06
CA ALA A 384 5.76 -10.00 25.08
C ALA A 384 4.54 -10.17 24.22
N ILE A 385 4.78 -10.63 22.99
CA ILE A 385 3.73 -10.91 22.04
C ILE A 385 3.93 -12.34 21.49
N GLU A 386 2.86 -13.11 21.38
CA GLU A 386 2.88 -14.49 20.87
C GLU A 386 1.67 -14.74 19.99
N ILE A 387 1.83 -15.45 18.89
CA ILE A 387 0.68 -15.95 18.14
C ILE A 387 -0.07 -16.95 19.03
N ALA A 388 -1.39 -16.83 19.02
CA ALA A 388 -2.27 -17.56 19.95
C ALA A 388 -3.28 -18.52 19.33
N GLY A 389 -3.40 -18.54 18.01
CA GLY A 389 -4.40 -19.36 17.39
C GLY A 389 -4.19 -19.30 15.87
N PRO A 390 -5.02 -20.01 15.10
CA PRO A 390 -4.84 -20.07 13.62
C PRO A 390 -4.97 -18.73 12.93
N LEU A 391 -4.05 -18.50 12.00
CA LEU A 391 -4.17 -17.34 11.19
C LEU A 391 -5.00 -17.63 9.96
N LYS A 392 -5.57 -16.57 9.38
CA LYS A 392 -6.29 -16.72 8.12
C LYS A 392 -5.79 -15.62 7.20
N ARG A 393 -5.32 -15.99 6.00
CA ARG A 393 -4.78 -14.98 5.05
C ARG A 393 -5.87 -14.42 4.14
N ARG A 394 -5.74 -13.13 3.79
CA ARG A 394 -6.70 -12.49 2.90
C ARG A 394 -6.12 -12.43 1.50
N PHE A 395 -6.95 -12.75 0.48
CA PHE A 395 -6.42 -12.71 -0.90
C PHE A 395 -6.92 -11.49 -1.60
N ASN A 396 -6.01 -10.73 -2.18
CA ASN A 396 -6.39 -9.50 -2.91
C ASN A 396 -5.42 -9.33 -4.06
N ASN A 397 -5.88 -8.84 -5.21
CA ASN A 397 -4.97 -8.75 -6.37
C ASN A 397 -3.76 -7.84 -6.21
N THR A 398 -3.81 -6.92 -5.25
CA THR A 398 -2.65 -6.00 -5.03
C THR A 398 -2.14 -6.06 -3.60
N LEU A 399 -3.03 -6.29 -2.64
CA LEU A 399 -2.58 -6.27 -1.21
C LEU A 399 -2.25 -7.62 -0.63
N ARG A 400 -1.18 -7.65 0.15
CA ARG A 400 -0.84 -8.80 0.97
C ARG A 400 -1.13 -8.53 2.43
N GLY A 401 -1.88 -9.44 3.08
CA GLY A 401 -2.09 -9.31 4.53
C GLY A 401 -3.04 -10.35 5.05
N LEU A 402 -3.34 -10.28 6.36
CA LEU A 402 -4.09 -11.37 7.01
C LEU A 402 -5.51 -10.89 7.30
N GLU A 403 -6.45 -11.82 7.18
CA GLU A 403 -7.82 -11.60 7.63
C GLU A 403 -7.97 -11.73 9.15
N SER A 404 -7.22 -12.66 9.75
CA SER A 404 -7.27 -12.91 11.24
C SER A 404 -5.90 -13.29 11.76
N LEU A 405 -5.55 -12.84 12.96
CA LEU A 405 -4.28 -13.24 13.60
C LEU A 405 -4.47 -13.16 15.07
N PRO A 406 -4.94 -14.26 15.67
CA PRO A 406 -5.02 -14.31 17.12
C PRO A 406 -3.69 -14.19 17.77
N ILE A 407 -3.58 -13.27 18.72
CA ILE A 407 -2.37 -13.11 19.47
C ILE A 407 -2.63 -13.02 20.97
N GLN A 408 -1.56 -13.22 21.73
CA GLN A 408 -1.55 -12.98 23.18
C GLN A 408 -0.55 -11.86 23.48
N LEU A 409 -1.09 -10.75 23.98
CA LEU A 409 -0.26 -9.71 24.55
C LEU A 409 -0.08 -9.90 26.00
N THR A 410 1.17 -9.97 26.46
CA THR A 410 1.46 -10.07 27.91
C THR A 410 1.72 -8.68 28.41
N PRO A 411 0.94 -8.21 29.42
CA PRO A 411 1.17 -6.85 29.87
C PRO A 411 2.53 -6.64 30.53
N ALA A 412 3.12 -5.46 30.34
CA ALA A 412 4.28 -5.02 31.14
C ALA A 412 3.82 -4.62 32.55
#